data_8AYS
#
_entry.id   8AYS
#
_cell.length_a   36.688
_cell.length_b   36.688
_cell.length_c   140.980
_cell.angle_alpha   90.00
_cell.angle_beta   90.00
_cell.angle_gamma   90.00
#
_symmetry.space_group_name_H-M   'P 43 21 2'
#
loop_
_entity.id
_entity.type
_entity.pdbx_description
1 polymer 'Host translation inhibitor nsp1'
2 non-polymer 4-(2-amino-1,3-thiazol-4-yl)phenol
3 water water
#
_entity_poly.entity_id   1
_entity_poly.type   'polypeptide(L)'
_entity_poly.pdbx_seq_one_letter_code
;EKTHVQLSLPVLQVRDVLVRGFGDSVEEVLSEARQHLKDGTCGLVEVEKGVLPQLEQPYVFIKRSDARTAPHGHVMVELV
AELEGIQYGRSGETLGVLVPHVGEIPVAYRKVLLRKN
;
_entity_poly.pdbx_strand_id   B
#
loop_
_chem_comp.id
_chem_comp.type
_chem_comp.name
_chem_comp.formula
92G non-polymer 4-(2-amino-1,3-thiazol-4-yl)phenol 'C9 H8 N2 O S'
#
# COMPACT_ATOMS: atom_id res chain seq x y z
N GLU A 1 -20.32 -2.70 2.72
CA GLU A 1 -18.87 -2.82 2.72
C GLU A 1 -18.41 -3.32 4.10
N LYS A 2 -17.82 -4.51 4.19
CA LYS A 2 -17.24 -4.94 5.45
C LYS A 2 -16.08 -4.05 5.83
N THR A 3 -15.76 -4.02 7.13
CA THR A 3 -14.73 -3.09 7.60
C THR A 3 -13.34 -3.46 7.11
N HIS A 4 -13.07 -4.75 6.90
CA HIS A 4 -11.78 -5.22 6.46
C HIS A 4 -11.97 -6.21 5.33
N VAL A 5 -10.97 -6.32 4.45
CA VAL A 5 -10.97 -7.28 3.37
C VAL A 5 -9.61 -7.89 3.27
N GLN A 6 -9.60 -9.19 3.01
CA GLN A 6 -8.39 -9.98 2.80
C GLN A 6 -7.95 -9.80 1.36
N LEU A 7 -6.69 -9.40 1.18
CA LEU A 7 -6.13 -9.21 -0.15
C LEU A 7 -4.74 -9.80 -0.21
N SER A 8 -4.36 -10.25 -1.40
N SER A 8 -4.34 -10.28 -1.39
N SER A 8 -4.36 -10.25 -1.40
CA SER A 8 -2.99 -10.68 -1.69
CA SER A 8 -2.95 -10.68 -1.63
CA SER A 8 -2.99 -10.67 -1.70
C SER A 8 -2.42 -9.70 -2.72
C SER A 8 -2.39 -9.75 -2.70
C SER A 8 -2.43 -9.69 -2.72
N LEU A 9 -1.47 -8.88 -2.29
CA LEU A 9 -0.98 -7.82 -3.15
C LEU A 9 0.31 -8.23 -3.81
N PRO A 10 0.46 -7.97 -5.11
CA PRO A 10 1.74 -8.21 -5.76
C PRO A 10 2.82 -7.23 -5.29
N VAL A 11 3.96 -7.79 -4.90
CA VAL A 11 5.11 -7.02 -4.45
C VAL A 11 6.00 -6.75 -5.64
N LEU A 12 6.22 -5.47 -5.92
CA LEU A 12 6.94 -5.02 -7.11
C LEU A 12 8.32 -4.47 -6.73
N GLN A 13 9.30 -4.70 -7.55
CA GLN A 13 10.56 -4.01 -7.37
C GLN A 13 10.41 -2.59 -7.92
N VAL A 14 11.01 -1.62 -7.23
CA VAL A 14 10.77 -0.21 -7.56
C VAL A 14 11.16 0.10 -9.00
N ARG A 15 12.26 -0.46 -9.53
CA ARG A 15 12.69 -0.12 -10.87
C ARG A 15 11.76 -0.67 -11.95
N ASP A 16 10.84 -1.60 -11.59
CA ASP A 16 9.87 -2.13 -12.54
C ASP A 16 8.59 -1.31 -12.62
N VAL A 17 8.33 -0.48 -11.63
CA VAL A 17 7.03 0.18 -11.54
C VAL A 17 6.89 1.19 -12.66
N LEU A 18 5.80 1.11 -13.41
CA LEU A 18 5.59 2.01 -14.52
C LEU A 18 4.85 3.28 -14.15
N VAL A 19 3.93 3.21 -13.20
CA VAL A 19 3.15 4.34 -12.72
C VAL A 19 3.49 4.52 -11.25
N ARG A 20 4.24 5.57 -10.93
CA ARG A 20 5.00 5.62 -9.69
C ARG A 20 4.25 6.28 -8.55
N GLY A 21 2.96 6.54 -8.70
CA GLY A 21 2.13 7.01 -7.62
C GLY A 21 0.70 7.08 -8.12
N PHE A 22 -0.19 7.53 -7.24
CA PHE A 22 -1.61 7.53 -7.50
C PHE A 22 -2.16 8.89 -7.87
N GLY A 23 -1.39 9.92 -7.80
CA GLY A 23 -1.95 11.25 -8.07
C GLY A 23 -1.21 12.34 -7.32
N ASP A 24 -1.90 13.49 -7.17
CA ASP A 24 -1.22 14.76 -6.96
C ASP A 24 -1.59 15.42 -5.65
N SER A 25 -2.47 14.83 -4.85
CA SER A 25 -2.86 15.35 -3.56
C SER A 25 -3.11 14.18 -2.62
N VAL A 26 -3.09 14.47 -1.33
CA VAL A 26 -3.30 13.42 -0.33
C VAL A 26 -4.66 12.76 -0.52
N GLU A 27 -5.69 13.58 -0.71
CA GLU A 27 -7.03 13.05 -0.88
C GLU A 27 -7.12 12.23 -2.15
N GLU A 28 -6.46 12.68 -3.22
CA GLU A 28 -6.54 11.91 -4.46
C GLU A 28 -5.80 10.58 -4.35
N VAL A 29 -4.62 10.55 -3.76
CA VAL A 29 -3.87 9.30 -3.71
C VAL A 29 -4.57 8.29 -2.84
N LEU A 30 -5.18 8.72 -1.73
CA LEU A 30 -5.92 7.78 -0.90
C LEU A 30 -7.12 7.23 -1.66
N SER A 31 -7.82 8.09 -2.38
CA SER A 31 -9.00 7.67 -3.12
C SER A 31 -8.62 6.70 -4.22
N GLU A 32 -7.59 7.05 -4.98
CA GLU A 32 -7.17 6.19 -6.07
C GLU A 32 -6.60 4.88 -5.56
N ALA A 33 -5.82 4.92 -4.47
CA ALA A 33 -5.32 3.67 -3.89
C ALA A 33 -6.48 2.74 -3.54
N ARG A 34 -7.50 3.29 -2.90
CA ARG A 34 -8.64 2.48 -2.51
C ARG A 34 -9.36 1.91 -3.74
N GLN A 35 -9.51 2.71 -4.79
CA GLN A 35 -10.15 2.19 -6.00
C GLN A 35 -9.30 1.10 -6.66
N HIS A 36 -7.99 1.25 -6.72
CA HIS A 36 -7.16 0.20 -7.30
C HIS A 36 -7.14 -1.04 -6.42
N LEU A 37 -7.24 -0.87 -5.11
CA LEU A 37 -7.37 -2.06 -4.25
C LEU A 37 -8.64 -2.82 -4.56
N LYS A 38 -9.76 -2.09 -4.70
CA LYS A 38 -11.06 -2.67 -5.09
C LYS A 38 -10.97 -3.44 -6.41
N ASP A 39 -10.21 -2.91 -7.38
CA ASP A 39 -10.15 -3.43 -8.73
C ASP A 39 -9.09 -4.48 -8.91
N GLY A 40 -8.27 -4.73 -7.89
CA GLY A 40 -7.20 -5.69 -8.01
C GLY A 40 -6.06 -5.21 -8.86
N THR A 41 -5.86 -3.90 -8.89
CA THR A 41 -4.82 -3.27 -9.69
C THR A 41 -3.88 -2.42 -8.83
N CYS A 42 -3.57 -2.90 -7.63
CA CYS A 42 -2.69 -2.19 -6.70
C CYS A 42 -1.54 -3.10 -6.33
N GLY A 43 -0.32 -2.57 -6.45
CA GLY A 43 0.86 -3.29 -6.04
C GLY A 43 1.46 -2.66 -4.80
N LEU A 44 2.51 -3.31 -4.30
N LEU A 44 2.51 -3.31 -4.30
N LEU A 44 2.51 -3.32 -4.32
CA LEU A 44 3.18 -2.93 -3.07
CA LEU A 44 3.18 -2.93 -3.07
CA LEU A 44 3.19 -2.95 -3.08
C LEU A 44 4.68 -2.96 -3.30
C LEU A 44 4.68 -2.96 -3.30
C LEU A 44 4.68 -2.93 -3.37
N VAL A 45 5.35 -1.87 -2.95
CA VAL A 45 6.80 -1.77 -3.00
C VAL A 45 7.33 -1.70 -1.59
N GLU A 46 8.21 -2.64 -1.25
CA GLU A 46 8.81 -2.64 0.07
C GLU A 46 9.86 -1.54 0.17
N VAL A 47 9.83 -0.80 1.27
CA VAL A 47 10.70 0.36 1.42
C VAL A 47 12.08 -0.07 1.90
N GLU A 48 13.08 0.32 1.13
CA GLU A 48 14.49 0.20 1.46
C GLU A 48 15.15 1.50 1.03
N LYS A 49 16.40 1.66 1.39
CA LYS A 49 17.13 2.85 0.99
C LYS A 49 17.01 3.01 -0.52
N GLY A 50 16.75 4.24 -0.96
CA GLY A 50 16.65 4.57 -2.37
C GLY A 50 15.27 4.35 -2.98
N VAL A 51 14.33 3.76 -2.27
CA VAL A 51 13.04 3.46 -2.87
C VAL A 51 12.17 4.71 -2.95
N LEU A 52 11.97 5.42 -1.83
CA LEU A 52 11.02 6.53 -1.88
C LEU A 52 11.44 7.61 -2.86
N PRO A 53 12.70 7.96 -3.01
CA PRO A 53 13.06 8.99 -4.00
C PRO A 53 12.83 8.56 -5.43
N GLN A 54 12.63 7.29 -5.69
CA GLN A 54 12.28 6.79 -7.01
C GLN A 54 10.78 6.71 -7.24
N LEU A 55 9.97 7.04 -6.24
CA LEU A 55 8.51 7.05 -6.35
C LEU A 55 8.01 8.47 -6.24
N GLU A 56 6.76 8.68 -6.60
CA GLU A 56 6.18 10.01 -6.64
C GLU A 56 5.33 10.32 -5.41
N GLN A 57 5.57 11.47 -4.81
CA GLN A 57 4.75 11.95 -3.74
C GLN A 57 3.46 12.56 -4.26
N PRO A 58 2.40 12.60 -3.46
CA PRO A 58 2.24 12.02 -2.14
C PRO A 58 2.31 10.50 -2.18
N TYR A 59 2.89 9.91 -1.16
CA TYR A 59 2.98 8.45 -1.04
C TYR A 59 1.74 7.95 -0.33
N VAL A 60 1.34 6.70 -0.63
CA VAL A 60 0.38 5.95 0.15
C VAL A 60 1.08 4.75 0.74
N PHE A 61 1.16 4.69 2.06
CA PHE A 61 1.67 3.55 2.77
C PHE A 61 0.56 2.65 3.28
N ILE A 62 0.85 1.35 3.37
CA ILE A 62 0.08 0.49 4.25
C ILE A 62 0.92 0.29 5.50
N LYS A 63 0.28 0.44 6.64
CA LYS A 63 0.90 0.35 7.95
C LYS A 63 0.15 -0.65 8.83
N ARG A 64 0.87 -1.27 9.72
CA ARG A 64 0.24 -2.28 10.56
C ARG A 64 -0.67 -1.62 11.59
N SER A 65 -1.90 -2.13 11.74
N SER A 65 -1.89 -2.14 11.71
CA SER A 65 -2.90 -1.46 12.58
CA SER A 65 -2.91 -1.51 12.54
C SER A 65 -3.17 -2.16 13.90
C SER A 65 -2.98 -2.07 13.94
N ASP A 66 -2.62 -3.34 14.13
CA ASP A 66 -2.78 -3.99 15.42
C ASP A 66 -1.66 -5.00 15.52
N ALA A 67 -1.28 -5.31 16.76
CA ALA A 67 -0.32 -6.36 17.02
C ALA A 67 -0.98 -7.62 17.51
N ARG A 68 -2.15 -7.47 18.14
CA ARG A 68 -2.88 -8.58 18.74
C ARG A 68 -2.65 -9.81 17.88
N THR A 69 -3.02 -9.74 16.61
CA THR A 69 -3.06 -10.94 15.79
C THR A 69 -3.26 -10.59 14.31
N ALA A 70 -2.70 -11.45 13.44
CA ALA A 70 -2.82 -11.39 11.98
C ALA A 70 -3.74 -12.50 11.51
N PRO A 71 -5.03 -12.24 11.33
CA PRO A 71 -5.98 -13.32 11.04
C PRO A 71 -5.66 -14.07 9.75
N HIS A 72 -5.61 -15.40 9.86
CA HIS A 72 -5.59 -16.30 8.71
C HIS A 72 -4.40 -16.02 7.76
N GLY A 73 -3.28 -15.53 8.30
CA GLY A 73 -2.10 -15.21 7.50
C GLY A 73 -1.98 -13.77 7.00
N HIS A 74 -2.98 -12.93 7.26
CA HIS A 74 -3.13 -11.62 6.64
C HIS A 74 -2.92 -10.58 7.73
N VAL A 75 -1.83 -9.81 7.63
N VAL A 75 -1.84 -9.80 7.60
CA VAL A 75 -1.55 -8.81 8.65
CA VAL A 75 -1.52 -8.74 8.55
C VAL A 75 -2.51 -7.63 8.46
C VAL A 75 -2.58 -7.65 8.44
N MET A 76 -3.08 -7.16 9.56
CA MET A 76 -4.11 -6.12 9.52
C MET A 76 -3.42 -4.78 9.32
N VAL A 77 -3.88 -4.04 8.31
CA VAL A 77 -3.23 -2.83 7.84
C VAL A 77 -4.23 -1.74 7.54
N GLU A 78 -3.74 -0.51 7.54
CA GLU A 78 -4.53 0.65 7.12
C GLU A 78 -3.68 1.58 6.27
N LEU A 79 -4.34 2.48 5.55
CA LEU A 79 -3.67 3.38 4.62
C LEU A 79 -3.30 4.67 5.32
N VAL A 80 -2.08 5.16 5.04
CA VAL A 80 -1.64 6.46 5.55
C VAL A 80 -0.88 7.14 4.42
N ALA A 81 -1.22 8.38 4.14
CA ALA A 81 -0.55 9.13 3.09
C ALA A 81 0.51 10.05 3.67
N GLU A 82 1.48 10.40 2.84
CA GLU A 82 2.55 11.32 3.23
C GLU A 82 2.82 12.31 2.10
N LEU A 83 2.93 13.58 2.48
CA LEU A 83 3.32 14.62 1.55
C LEU A 83 4.20 15.64 2.24
N GLU A 84 5.38 15.87 1.68
CA GLU A 84 6.31 16.87 2.15
C GLU A 84 6.53 16.71 3.65
N GLY A 85 6.72 15.46 4.07
CA GLY A 85 7.11 15.16 5.42
C GLY A 85 6.00 15.10 6.43
N ILE A 86 4.75 15.32 6.01
CA ILE A 86 3.60 15.29 6.91
C ILE A 86 2.76 14.06 6.56
N GLN A 87 2.32 13.35 7.60
CA GLN A 87 1.52 12.16 7.43
C GLN A 87 0.07 12.41 7.80
N TYR A 88 -0.81 11.74 7.09
CA TYR A 88 -2.26 11.90 7.20
C TYR A 88 -2.73 10.52 7.60
N GLY A 89 -2.94 10.38 8.90
CA GLY A 89 -3.18 9.14 9.59
C GLY A 89 -2.03 8.82 10.52
N ARG A 90 -2.32 8.08 11.59
CA ARG A 90 -1.26 7.59 12.47
C ARG A 90 -1.50 6.11 12.63
N SER A 91 -0.45 5.32 12.47
CA SER A 91 -0.63 3.89 12.50
C SER A 91 0.70 3.25 12.91
N GLY A 92 0.84 1.97 12.65
CA GLY A 92 2.03 1.24 13.03
C GLY A 92 3.09 1.19 11.94
N GLU A 93 3.86 0.12 11.97
CA GLU A 93 4.99 -0.06 11.08
C GLU A 93 4.55 -0.18 9.60
N THR A 94 5.32 0.44 8.71
CA THR A 94 5.05 0.39 7.28
C THR A 94 5.41 -0.96 6.71
N LEU A 95 4.46 -1.56 5.98
CA LEU A 95 4.72 -2.76 5.19
C LEU A 95 5.22 -2.44 3.81
N GLY A 96 4.82 -1.31 3.28
CA GLY A 96 5.33 -0.88 2.00
C GLY A 96 4.56 0.32 1.50
N VAL A 97 4.89 0.73 0.29
N VAL A 97 4.94 0.74 0.30
CA VAL A 97 4.24 1.85 -0.36
CA VAL A 97 4.29 1.80 -0.46
C VAL A 97 3.42 1.31 -1.53
C VAL A 97 3.36 1.16 -1.47
N LEU A 98 2.15 1.69 -1.59
CA LEU A 98 1.24 1.23 -2.63
C LEU A 98 1.46 2.00 -3.93
N VAL A 99 1.36 1.29 -5.05
CA VAL A 99 1.48 1.91 -6.37
C VAL A 99 0.47 1.24 -7.28
N PRO A 100 0.05 1.89 -8.35
CA PRO A 100 -0.71 1.17 -9.38
C PRO A 100 0.04 -0.05 -9.86
N HIS A 101 -0.73 -1.10 -10.15
CA HIS A 101 -0.22 -2.27 -10.82
C HIS A 101 -0.78 -2.32 -12.22
N VAL A 102 0.10 -2.31 -13.21
CA VAL A 102 -0.34 -2.35 -14.60
C VAL A 102 0.28 -3.54 -15.33
N GLY A 103 0.51 -4.63 -14.63
CA GLY A 103 0.97 -5.84 -15.28
C GLY A 103 2.41 -6.21 -15.04
N GLU A 104 3.11 -5.44 -14.21
CA GLU A 104 4.48 -5.80 -13.86
C GLU A 104 4.54 -7.13 -13.15
N ILE A 105 5.64 -7.84 -13.32
CA ILE A 105 5.81 -9.15 -12.70
C ILE A 105 6.30 -8.98 -11.28
N PRO A 106 5.55 -9.48 -10.31
CA PRO A 106 5.96 -9.32 -8.92
C PRO A 106 7.02 -10.33 -8.49
N VAL A 107 7.63 -10.01 -7.35
CA VAL A 107 8.63 -10.89 -6.76
C VAL A 107 8.08 -11.72 -5.63
N ALA A 108 6.85 -11.43 -5.21
CA ALA A 108 6.17 -12.10 -4.12
C ALA A 108 4.77 -11.52 -4.05
N TYR A 109 3.92 -12.14 -3.23
CA TYR A 109 2.61 -11.63 -2.87
C TYR A 109 2.60 -11.44 -1.37
N ARG A 110 2.00 -10.33 -0.93
CA ARG A 110 1.90 -9.96 0.48
C ARG A 110 0.44 -10.02 0.89
N LYS A 111 0.13 -10.87 1.86
CA LYS A 111 -1.23 -11.02 2.35
C LYS A 111 -1.52 -10.01 3.43
N VAL A 112 -2.61 -9.27 3.26
CA VAL A 112 -3.00 -8.25 4.22
C VAL A 112 -4.50 -8.31 4.46
N LEU A 113 -4.88 -7.84 5.63
CA LEU A 113 -6.30 -7.64 5.97
C LEU A 113 -6.48 -6.14 6.03
N LEU A 114 -7.03 -5.58 4.97
CA LEU A 114 -7.05 -4.14 4.79
C LEU A 114 -8.27 -3.50 5.41
N ARG A 115 -8.05 -2.53 6.27
CA ARG A 115 -9.14 -1.70 6.76
C ARG A 115 -9.61 -0.76 5.64
N LYS A 116 -10.89 -0.84 5.33
CA LYS A 116 -11.55 0.11 4.45
C LYS A 116 -12.16 1.15 5.39
N ASN A 117 -11.52 2.31 5.49
CA ASN A 117 -12.06 3.44 6.27
C ASN A 117 -11.86 4.75 5.52
O7 92G B . -11.90 1.67 0.16
C5 92G B . -13.09 -1.61 -0.86
C6 92G B . -13.06 -0.31 -0.43
C1 92G B . -11.85 0.36 -0.30
C3 92G B . -10.68 -1.61 -1.04
C2 92G B . -10.64 -0.28 -0.62
C4 92G B . -11.91 -2.28 -1.16
C8 92G B . -11.99 -3.61 -1.59
C10 92G B . -13.13 -5.54 -1.99
C12 92G B . -10.90 -4.30 -2.09
S11 92G B . -11.51 -5.87 -2.49
N9 92G B . -13.14 -4.29 -1.55
N13 92G B . -14.22 -6.49 -2.04
HO7 92G B . -12.66 2.10 -0.21
H5 92G B . -14.04 -2.12 -0.97
H6 92G B . -13.97 0.21 -0.18
H3 92G B . -9.76 -2.13 -1.27
H2 92G B . -9.69 0.25 -0.55
H12 92G B . -9.88 -3.94 -2.21
HN13 92G B . -14.43 -7.05 -1.24
HN1A 92G B . -14.77 -6.60 -2.88
#